data_4QQK
#
_entry.id   4QQK
#
_cell.length_a   95.211
_cell.length_b   95.211
_cell.length_c   108.359
_cell.angle_alpha   90.000
_cell.angle_beta   90.000
_cell.angle_gamma   90.000
#
_symmetry.space_group_name_H-M   'I 41'
#
loop_
_entity.id
_entity.type
_entity.pdbx_description
1 polymer 'Protein arginine N-methyltransferase 6'
2 non-polymer (5S)-5-{[(2R,3S,4R,5R)-5-(6-amino-9H-purin-9-yl)-3,4-dihydroxytetrahydrofuran-2-yl]methyl}-N~6~-carbamimidoyl-L-lysine
3 non-polymer GLYCEROL
4 non-polymer 'UNKNOWN ATOM OR ION'
5 water water
#
_entity_poly.entity_id   1
_entity_poly.type   'polypeptide(L)'
_entity_poly.pdbx_seq_one_letter_code
;GMSQPKKRKLESGGGGEGGEGTEEEDGAEREAALERPRRTKRERDQLYYECYSDVSVHEEMIADRVRTDAYRLGILRNWA
ALRGKTVLDVGAGTGILSIFCAQAGARRVYAVEASAIWQQAREVVRFNGLEDRVHVLPGPVETVELPEQVDAIVSEWMGY
GLLHESMLSSVLHARTKWLKEGGLLLPASAELFIVPISDQMLEWRLGFWSQVKQHYGVDMSCLEGFATRCLMGHSEIVVQ
GLSGEDVLARPQRFAQLELSRAGLEQELEAGVGGRFRCSCYGSAPMHGFAIWFQVTFPGGESEKPLVLSTSPFHPATHWK
QALLYLNEPVQVEQDTDVSGEITLLPSRDNPRRLRVLLRYKVGDQEEKTKDFAMED
;
_entity_poly.pdbx_strand_id   A
#
loop_
_chem_comp.id
_chem_comp.type
_chem_comp.name
_chem_comp.formula
37H non-polymer (5S)-5-{[(2R,3S,4R,5R)-5-(6-amino-9H-purin-9-yl)-3,4-dihydroxytetrahydrofuran-2-yl]methyl}-N~6~-carbamimidoyl-L-lysine 'C17 H27 N9 O5'
GOL non-polymer GLYCEROL 'C3 H8 O3'
UNX non-polymer 'UNKNOWN ATOM OR ION' ?
#
# COMPACT_ATOMS: atom_id res chain seq x y z
N GLU A 50 17.16 2.71 -22.16
CA GLU A 50 17.62 2.84 -20.74
C GLU A 50 16.74 1.97 -19.83
N CYS A 51 17.37 1.16 -18.98
CA CYS A 51 16.63 0.26 -18.10
C CYS A 51 16.94 0.48 -16.60
N TYR A 52 17.53 1.63 -16.23
CA TYR A 52 17.86 1.87 -14.81
C TYR A 52 16.62 2.00 -13.89
N SER A 53 15.48 2.44 -14.45
CA SER A 53 14.27 2.49 -13.63
C SER A 53 13.73 1.07 -13.42
N ASP A 54 13.77 0.24 -14.46
CA ASP A 54 13.46 -1.18 -14.32
C ASP A 54 14.22 -1.78 -13.13
N VAL A 55 15.55 -1.61 -13.13
CA VAL A 55 16.38 -2.21 -12.07
C VAL A 55 16.11 -1.59 -10.69
N SER A 56 15.96 -0.27 -10.65
CA SER A 56 15.75 0.43 -9.37
C SER A 56 14.41 0.08 -8.68
N VAL A 57 13.36 -0.04 -9.45
CA VAL A 57 12.05 -0.43 -8.93
C VAL A 57 12.13 -1.83 -8.31
N HIS A 58 12.72 -2.76 -9.03
CA HIS A 58 12.78 -4.14 -8.53
C HIS A 58 13.77 -4.33 -7.41
N GLU A 59 14.88 -3.59 -7.45
CA GLU A 59 15.82 -3.52 -6.36
C GLU A 59 15.13 -3.07 -5.08
N GLU A 60 14.34 -1.99 -5.18
CA GLU A 60 13.68 -1.44 -4.00
C GLU A 60 12.72 -2.44 -3.37
N MET A 61 11.97 -3.16 -4.19
CA MET A 61 10.97 -4.11 -3.69
CA MET A 61 10.98 -4.05 -3.62
C MET A 61 11.62 -5.31 -3.02
N ILE A 62 12.65 -5.88 -3.67
CA ILE A 62 13.36 -7.05 -3.10
C ILE A 62 14.19 -6.68 -1.89
N ALA A 63 14.72 -5.46 -1.90
CA ALA A 63 15.41 -4.91 -0.76
C ALA A 63 14.48 -4.63 0.43
N ASP A 64 13.18 -4.52 0.15
CA ASP A 64 12.22 -4.33 1.22
C ASP A 64 11.99 -5.71 1.83
N ARG A 65 12.74 -6.00 2.88
CA ARG A 65 12.73 -7.31 3.51
C ARG A 65 11.45 -7.59 4.25
N VAL A 66 10.85 -6.54 4.83
CA VAL A 66 9.56 -6.71 5.49
C VAL A 66 8.52 -7.23 4.49
N ARG A 67 8.42 -6.56 3.35
CA ARG A 67 7.55 -6.99 2.26
C ARG A 67 7.89 -8.39 1.76
N THR A 68 9.15 -8.59 1.43
CA THR A 68 9.52 -9.83 0.72
C THR A 68 9.48 -11.06 1.66
N ASP A 69 9.91 -10.89 2.91
CA ASP A 69 9.75 -11.96 3.92
C ASP A 69 8.31 -12.27 4.29
N ALA A 70 7.47 -11.25 4.37
CA ALA A 70 6.06 -11.50 4.61
C ALA A 70 5.47 -12.37 3.50
N TYR A 71 5.84 -12.09 2.25
CA TYR A 71 5.34 -12.90 1.14
C TYR A 71 5.95 -14.29 1.20
N ARG A 72 7.23 -14.38 1.52
CA ARG A 72 7.83 -15.70 1.55
C ARG A 72 7.14 -16.55 2.61
N LEU A 73 7.00 -16.01 3.81
CA LEU A 73 6.38 -16.76 4.90
C LEU A 73 4.89 -16.96 4.67
N GLY A 74 4.22 -15.91 4.21
CA GLY A 74 2.80 -16.01 3.89
C GLY A 74 2.47 -17.12 2.90
N ILE A 75 3.36 -17.30 1.92
CA ILE A 75 3.23 -18.35 0.91
C ILE A 75 3.66 -19.71 1.47
N LEU A 76 4.84 -19.76 2.08
CA LEU A 76 5.34 -21.05 2.61
C LEU A 76 4.41 -21.69 3.62
N ARG A 77 3.76 -20.86 4.45
CA ARG A 77 2.83 -21.36 5.46
C ARG A 77 1.57 -21.97 4.89
N ASN A 78 1.35 -21.77 3.59
CA ASN A 78 0.25 -22.41 2.89
C ASN A 78 0.69 -23.60 2.09
N TRP A 79 1.85 -24.16 2.43
CA TRP A 79 2.34 -25.32 1.69
C TRP A 79 1.32 -26.49 1.57
N ALA A 80 0.59 -26.75 2.64
CA ALA A 80 -0.38 -27.86 2.59
C ALA A 80 -1.39 -27.64 1.46
N ALA A 81 -1.81 -26.39 1.26
CA ALA A 81 -2.77 -26.03 0.17
C ALA A 81 -2.14 -25.86 -1.21
N LEU A 82 -0.86 -25.57 -1.29
CA LEU A 82 -0.18 -25.35 -2.56
C LEU A 82 0.55 -26.56 -3.13
N ARG A 83 0.95 -27.49 -2.27
CA ARG A 83 1.74 -28.64 -2.68
C ARG A 83 0.99 -29.41 -3.76
N GLY A 84 1.63 -29.57 -4.90
CA GLY A 84 1.03 -30.25 -6.04
C GLY A 84 0.00 -29.47 -6.82
N LYS A 85 -0.20 -28.18 -6.49
CA LYS A 85 -1.27 -27.40 -7.09
C LYS A 85 -0.71 -26.35 -8.05
N THR A 86 -1.60 -25.60 -8.69
CA THR A 86 -1.19 -24.64 -9.70
C THR A 86 -1.47 -23.24 -9.20
N VAL A 87 -0.60 -22.32 -9.58
CA VAL A 87 -0.66 -20.96 -9.08
C VAL A 87 -0.49 -19.99 -10.26
N LEU A 88 -1.22 -18.88 -10.21
CA LEU A 88 -0.97 -17.74 -11.09
C LEU A 88 -0.38 -16.60 -10.25
N ASP A 89 0.79 -16.10 -10.66
CA ASP A 89 1.43 -14.94 -10.01
C ASP A 89 1.14 -13.75 -10.91
N VAL A 90 0.26 -12.88 -10.44
CA VAL A 90 -0.15 -11.71 -11.22
C VAL A 90 0.89 -10.59 -11.05
N GLY A 91 1.70 -10.36 -12.09
CA GLY A 91 2.69 -9.32 -12.03
C GLY A 91 3.93 -9.86 -11.38
N ALA A 92 4.54 -10.83 -12.04
CA ALA A 92 5.60 -11.64 -11.44
C ALA A 92 6.92 -10.90 -11.28
N GLY A 93 7.12 -9.78 -11.99
CA GLY A 93 8.35 -9.01 -11.83
C GLY A 93 9.60 -9.82 -12.14
N THR A 94 10.51 -9.89 -11.17
CA THR A 94 11.74 -10.71 -11.27
C THR A 94 11.51 -12.22 -11.10
N GLY A 95 10.28 -12.58 -10.70
CA GLY A 95 9.91 -13.98 -10.51
C GLY A 95 9.95 -14.46 -9.08
N ILE A 96 10.32 -13.59 -8.14
CA ILE A 96 10.62 -14.04 -6.78
C ILE A 96 9.44 -14.72 -6.06
N LEU A 97 8.22 -14.17 -6.16
CA LEU A 97 7.06 -14.78 -5.55
C LEU A 97 6.68 -16.11 -6.18
N SER A 98 6.90 -16.22 -7.49
CA SER A 98 6.64 -17.47 -8.19
C SER A 98 7.56 -18.57 -7.72
N ILE A 99 8.80 -18.21 -7.45
CA ILE A 99 9.79 -19.16 -6.94
C ILE A 99 9.46 -19.54 -5.52
N PHE A 100 8.99 -18.58 -4.72
CA PHE A 100 8.49 -18.91 -3.39
C PHE A 100 7.35 -19.96 -3.43
N CYS A 101 6.46 -19.82 -4.41
CA CYS A 101 5.37 -20.78 -4.59
C CYS A 101 5.92 -22.17 -4.94
N ALA A 102 6.94 -22.23 -5.79
CA ALA A 102 7.57 -23.50 -6.12
C ALA A 102 8.26 -24.10 -4.87
N GLN A 103 8.92 -23.26 -4.07
CA GLN A 103 9.48 -23.73 -2.80
C GLN A 103 8.39 -24.33 -1.91
N ALA A 104 7.19 -23.71 -1.92
CA ALA A 104 6.08 -24.19 -1.12
C ALA A 104 5.44 -25.48 -1.66
N GLY A 105 5.85 -25.93 -2.83
CA GLY A 105 5.43 -27.21 -3.36
C GLY A 105 4.57 -27.16 -4.59
N ALA A 106 4.32 -25.97 -5.13
CA ALA A 106 3.46 -25.86 -6.31
C ALA A 106 3.99 -26.70 -7.47
N ARG A 107 3.06 -27.37 -8.16
CA ARG A 107 3.39 -28.20 -9.32
C ARG A 107 3.71 -27.30 -10.52
N ARG A 108 2.91 -26.25 -10.71
CA ARG A 108 3.05 -25.37 -11.87
C ARG A 108 2.72 -23.95 -11.41
N VAL A 109 3.58 -23.00 -11.77
CA VAL A 109 3.31 -21.58 -11.51
C VAL A 109 3.33 -20.80 -12.83
N TYR A 110 2.29 -20.04 -13.10
CA TYR A 110 2.27 -19.16 -14.26
C TYR A 110 2.65 -17.78 -13.78
N ALA A 111 3.81 -17.33 -14.20
CA ALA A 111 4.36 -16.06 -13.77
C ALA A 111 4.14 -15.03 -14.87
N VAL A 112 3.11 -14.20 -14.71
CA VAL A 112 2.68 -13.32 -15.77
C VAL A 112 3.17 -11.92 -15.51
N GLU A 113 3.85 -11.30 -16.47
CA GLU A 113 4.47 -10.01 -16.25
C GLU A 113 4.42 -9.19 -17.51
N ALA A 114 3.85 -8.01 -17.40
CA ALA A 114 3.63 -7.16 -18.58
C ALA A 114 4.85 -6.31 -19.02
N SER A 115 5.70 -5.91 -18.08
CA SER A 115 6.83 -5.04 -18.41
C SER A 115 8.08 -5.86 -18.78
N ALA A 116 9.11 -5.15 -19.28
CA ALA A 116 10.29 -5.81 -19.82
C ALA A 116 11.06 -6.66 -18.81
N ILE A 117 10.82 -6.46 -17.51
CA ILE A 117 11.46 -7.24 -16.48
C ILE A 117 11.12 -8.74 -16.59
N TRP A 118 10.13 -9.11 -17.38
CA TRP A 118 9.80 -10.52 -17.59
C TRP A 118 11.02 -11.26 -18.20
N GLN A 119 11.80 -10.54 -18.98
CA GLN A 119 13.03 -11.12 -19.55
C GLN A 119 13.97 -11.57 -18.44
N GLN A 120 14.04 -10.77 -17.37
CA GLN A 120 14.82 -11.10 -16.20
C GLN A 120 14.22 -12.24 -15.36
N ALA A 121 12.91 -12.23 -15.19
CA ALA A 121 12.25 -13.36 -14.53
C ALA A 121 12.54 -14.68 -15.27
N ARG A 122 12.45 -14.67 -16.61
CA ARG A 122 12.72 -15.86 -17.42
C ARG A 122 14.13 -16.37 -17.17
N GLU A 123 15.09 -15.44 -17.15
CA GLU A 123 16.46 -15.76 -16.82
C GLU A 123 16.61 -16.35 -15.42
N VAL A 124 16.04 -15.69 -14.40
CA VAL A 124 16.13 -16.15 -13.02
C VAL A 124 15.52 -17.56 -12.84
N VAL A 125 14.43 -17.83 -13.55
CA VAL A 125 13.77 -19.14 -13.45
C VAL A 125 14.66 -20.20 -14.11
N ARG A 126 15.14 -19.92 -15.32
CA ARG A 126 16.10 -20.78 -16.01
C ARG A 126 17.28 -21.04 -15.10
N PHE A 127 17.87 -19.95 -14.60
CA PHE A 127 19.09 -20.03 -13.81
C PHE A 127 18.92 -20.94 -12.61
N ASN A 128 17.77 -20.87 -11.95
CA ASN A 128 17.55 -21.71 -10.78
C ASN A 128 17.03 -23.11 -11.17
N GLY A 129 16.98 -23.45 -12.47
CA GLY A 129 16.51 -24.76 -12.93
C GLY A 129 15.03 -25.09 -12.74
N LEU A 130 14.17 -24.07 -12.84
CA LEU A 130 12.77 -24.21 -12.47
C LEU A 130 11.85 -24.02 -13.67
N GLU A 131 12.40 -24.03 -14.89
CA GLU A 131 11.56 -23.76 -16.06
C GLU A 131 10.48 -24.80 -16.37
N ASP A 132 10.58 -25.99 -15.78
N ASP A 132 10.56 -26.01 -15.81
N ASP A 132 10.62 -26.00 -15.81
CA ASP A 132 9.54 -27.02 -15.93
CA ASP A 132 9.46 -26.97 -15.98
CA ASP A 132 9.59 -27.03 -15.87
C ASP A 132 8.47 -26.93 -14.82
C ASP A 132 8.35 -26.72 -14.97
C ASP A 132 8.38 -26.66 -15.01
N ARG A 133 8.64 -26.01 -13.87
CA ARG A 133 7.62 -25.71 -12.88
C ARG A 133 7.10 -24.31 -12.91
N VAL A 134 7.95 -23.33 -13.26
CA VAL A 134 7.51 -21.93 -13.35
C VAL A 134 7.60 -21.44 -14.78
N HIS A 135 6.46 -21.09 -15.36
CA HIS A 135 6.37 -20.61 -16.74
C HIS A 135 6.18 -19.09 -16.78
N VAL A 136 7.21 -18.37 -17.23
CA VAL A 136 7.16 -16.92 -17.28
C VAL A 136 6.50 -16.53 -18.58
N LEU A 137 5.38 -15.81 -18.48
CA LEU A 137 4.60 -15.39 -19.65
C LEU A 137 4.54 -13.87 -19.73
N PRO A 138 4.93 -13.30 -20.87
CA PRO A 138 4.90 -11.85 -20.96
C PRO A 138 3.51 -11.31 -21.29
N GLY A 139 3.33 -10.02 -21.04
CA GLY A 139 2.10 -9.33 -21.37
C GLY A 139 1.12 -9.25 -20.21
N PRO A 140 0.02 -8.49 -20.40
CA PRO A 140 -0.91 -8.24 -19.31
C PRO A 140 -1.69 -9.47 -18.95
N VAL A 141 -1.98 -9.60 -17.67
CA VAL A 141 -2.73 -10.74 -17.19
C VAL A 141 -4.13 -10.77 -17.80
N GLU A 142 -4.64 -9.60 -18.17
CA GLU A 142 -6.01 -9.51 -18.69
C GLU A 142 -6.19 -10.26 -20.00
N THR A 143 -5.10 -10.46 -20.75
CA THR A 143 -5.15 -11.15 -22.04
C THR A 143 -4.31 -12.40 -22.12
N VAL A 144 -3.62 -12.78 -21.06
CA VAL A 144 -2.83 -14.00 -21.09
C VAL A 144 -3.76 -15.19 -21.28
N GLU A 145 -3.23 -16.24 -21.90
CA GLU A 145 -3.98 -17.47 -22.12
C GLU A 145 -3.27 -18.57 -21.36
N LEU A 146 -3.87 -19.02 -20.28
CA LEU A 146 -3.36 -20.16 -19.54
C LEU A 146 -4.02 -21.44 -20.05
N PRO A 147 -3.34 -22.57 -19.91
CA PRO A 147 -3.96 -23.83 -20.35
C PRO A 147 -4.99 -24.40 -19.40
N GLU A 148 -5.13 -23.83 -18.20
CA GLU A 148 -6.06 -24.33 -17.18
C GLU A 148 -6.41 -23.23 -16.22
N GLN A 149 -7.49 -23.46 -15.46
CA GLN A 149 -7.79 -22.62 -14.30
CA GLN A 149 -7.83 -22.67 -14.28
C GLN A 149 -6.80 -23.00 -13.21
N VAL A 150 -6.60 -22.10 -12.24
CA VAL A 150 -5.57 -22.33 -11.22
C VAL A 150 -6.16 -22.53 -9.84
N ASP A 151 -5.35 -23.12 -8.94
CA ASP A 151 -5.77 -23.38 -7.56
C ASP A 151 -5.55 -22.20 -6.65
N ALA A 152 -4.64 -21.32 -7.04
CA ALA A 152 -4.28 -20.20 -6.24
C ALA A 152 -3.79 -19.04 -7.09
N ILE A 153 -3.99 -17.84 -6.58
CA ILE A 153 -3.38 -16.61 -7.10
C ILE A 153 -2.53 -15.98 -6.02
N VAL A 154 -1.30 -15.60 -6.37
CA VAL A 154 -0.46 -14.77 -5.53
C VAL A 154 -0.15 -13.46 -6.26
N SER A 155 -0.12 -12.36 -5.54
CA SER A 155 0.20 -11.09 -6.16
C SER A 155 0.59 -10.07 -5.10
N GLU A 156 1.56 -9.25 -5.46
CA GLU A 156 1.88 -8.08 -4.70
C GLU A 156 1.42 -6.92 -5.57
N TRP A 157 0.27 -6.37 -5.21
CA TRP A 157 -0.48 -5.42 -6.04
C TRP A 157 -0.66 -4.05 -5.42
N MET A 158 -0.19 -3.89 -4.19
CA MET A 158 -0.52 -2.73 -3.39
C MET A 158 0.30 -1.51 -3.79
N GLY A 159 -0.37 -0.37 -3.82
CA GLY A 159 0.28 0.89 -4.13
C GLY A 159 0.37 1.76 -2.92
N TYR A 160 0.93 2.95 -3.10
CA TYR A 160 0.94 3.93 -2.03
C TYR A 160 -0.50 4.21 -1.65
N GLY A 161 -0.75 4.42 -0.35
CA GLY A 161 -2.13 4.54 0.15
C GLY A 161 -3.02 3.37 -0.22
N LEU A 162 -2.40 2.21 -0.40
CA LEU A 162 -2.99 0.98 -0.89
C LEU A 162 -3.46 1.05 -2.35
N LEU A 163 -4.20 2.10 -2.71
CA LEU A 163 -4.95 2.07 -3.95
C LEU A 163 -4.43 3.00 -5.04
N HIS A 164 -3.39 3.76 -4.79
CA HIS A 164 -2.80 4.60 -5.84
C HIS A 164 -2.00 3.76 -6.82
N GLU A 165 -2.41 3.78 -8.07
CA GLU A 165 -1.71 3.01 -9.12
C GLU A 165 -1.47 1.55 -8.72
N SER A 166 -2.51 0.93 -8.17
CA SER A 166 -2.37 -0.43 -7.69
C SER A 166 -2.75 -1.37 -8.81
N MET A 167 -2.39 -2.63 -8.60
CA MET A 167 -2.71 -3.71 -9.55
CA MET A 167 -2.72 -3.70 -9.55
C MET A 167 -3.99 -4.44 -9.12
N LEU A 168 -4.73 -3.90 -8.17
CA LEU A 168 -5.90 -4.61 -7.63
C LEU A 168 -6.91 -5.02 -8.70
N SER A 169 -7.23 -4.11 -9.63
CA SER A 169 -8.22 -4.43 -10.64
C SER A 169 -7.71 -5.60 -11.53
N SER A 170 -6.42 -5.68 -11.79
CA SER A 170 -5.86 -6.84 -12.53
C SER A 170 -5.98 -8.15 -11.76
N VAL A 171 -5.73 -8.08 -10.47
CA VAL A 171 -5.85 -9.27 -9.63
C VAL A 171 -7.32 -9.74 -9.59
N LEU A 172 -8.25 -8.80 -9.49
CA LEU A 172 -9.66 -9.16 -9.44
C LEU A 172 -10.14 -9.73 -10.79
N HIS A 173 -9.63 -9.18 -11.88
CA HIS A 173 -9.89 -9.72 -13.22
C HIS A 173 -9.40 -11.16 -13.32
N ALA A 174 -8.15 -11.39 -12.90
CA ALA A 174 -7.58 -12.71 -12.92
C ALA A 174 -8.33 -13.69 -12.01
N ARG A 175 -8.79 -13.22 -10.85
CA ARG A 175 -9.53 -14.08 -9.95
CA ARG A 175 -9.53 -14.06 -9.94
C ARG A 175 -10.79 -14.57 -10.65
N THR A 176 -11.56 -13.66 -11.22
CA THR A 176 -12.79 -14.02 -11.92
C THR A 176 -12.54 -14.96 -13.10
N LYS A 177 -11.54 -14.64 -13.92
CA LYS A 177 -11.27 -15.41 -15.12
C LYS A 177 -10.56 -16.75 -14.89
N TRP A 178 -9.62 -16.82 -13.94
CA TRP A 178 -8.73 -17.97 -13.86
C TRP A 178 -8.74 -18.79 -12.56
N LEU A 179 -9.25 -18.24 -11.48
CA LEU A 179 -9.14 -18.92 -10.20
C LEU A 179 -10.30 -19.90 -10.06
N LYS A 180 -10.02 -21.14 -9.71
CA LYS A 180 -11.08 -22.10 -9.41
C LYS A 180 -11.95 -21.69 -8.25
N GLU A 181 -13.22 -22.10 -8.31
CA GLU A 181 -14.14 -21.91 -7.19
C GLU A 181 -13.48 -22.47 -5.94
N GLY A 182 -13.48 -21.70 -4.86
CA GLY A 182 -12.82 -22.08 -3.62
C GLY A 182 -11.30 -21.99 -3.62
N GLY A 183 -10.71 -21.39 -4.65
CA GLY A 183 -9.26 -21.26 -4.74
C GLY A 183 -8.72 -20.26 -3.73
N LEU A 184 -7.40 -20.25 -3.60
CA LEU A 184 -6.72 -19.51 -2.56
C LEU A 184 -6.21 -18.20 -3.15
N LEU A 185 -6.41 -17.10 -2.44
CA LEU A 185 -5.90 -15.78 -2.82
C LEU A 185 -4.90 -15.31 -1.81
N LEU A 186 -3.69 -14.98 -2.25
CA LEU A 186 -2.61 -14.57 -1.36
C LEU A 186 -2.03 -13.21 -1.76
N PRO A 187 -2.13 -12.19 -0.91
CA PRO A 187 -2.99 -12.17 0.29
C PRO A 187 -4.48 -12.21 -0.01
N ALA A 188 -5.27 -12.41 1.05
CA ALA A 188 -6.73 -12.58 0.91
C ALA A 188 -7.55 -11.32 1.16
N SER A 189 -6.99 -10.37 1.90
CA SER A 189 -7.74 -9.21 2.30
C SER A 189 -6.78 -8.07 2.66
N ALA A 190 -7.33 -6.88 2.72
CA ALA A 190 -6.58 -5.68 3.04
C ALA A 190 -7.45 -4.84 3.93
N GLU A 191 -6.80 -4.09 4.82
CA GLU A 191 -7.48 -3.20 5.72
C GLU A 191 -6.79 -1.85 5.68
N LEU A 192 -7.59 -0.80 5.84
CA LEU A 192 -7.11 0.59 5.82
C LEU A 192 -7.32 1.25 7.17
N PHE A 193 -6.31 1.98 7.60
CA PHE A 193 -6.27 2.65 8.89
C PHE A 193 -5.97 4.12 8.72
N ILE A 194 -6.50 4.89 9.66
CA ILE A 194 -6.24 6.32 9.77
C ILE A 194 -5.95 6.74 11.21
N VAL A 195 -5.11 7.76 11.38
CA VAL A 195 -4.84 8.31 12.70
C VAL A 195 -4.34 9.75 12.58
N PRO A 196 -4.67 10.61 13.55
CA PRO A 196 -4.06 11.93 13.59
C PRO A 196 -2.57 11.83 13.91
N ILE A 197 -1.77 12.69 13.28
CA ILE A 197 -0.35 12.63 13.45
C ILE A 197 0.25 14.01 13.66
N SER A 198 1.44 14.00 14.23
CA SER A 198 2.33 15.15 14.28
C SER A 198 3.62 14.73 13.62
N ASP A 199 3.94 15.34 12.48
CA ASP A 199 5.09 15.03 11.66
C ASP A 199 6.32 15.85 12.10
N GLN A 200 7.30 15.19 12.72
CA GLN A 200 8.49 15.90 13.20
C GLN A 200 9.32 16.49 12.07
N MET A 201 9.43 15.78 10.95
CA MET A 201 10.17 16.31 9.81
C MET A 201 9.53 17.63 9.34
N LEU A 202 8.20 17.63 9.25
CA LEU A 202 7.48 18.82 8.82
C LEU A 202 7.65 19.93 9.82
N GLU A 203 7.53 19.60 11.10
CA GLU A 203 7.71 20.58 12.14
C GLU A 203 9.07 21.29 12.02
N TRP A 204 10.11 20.51 11.77
CA TRP A 204 11.47 21.06 11.53
C TRP A 204 11.49 22.00 10.34
N ARG A 205 10.88 21.60 9.23
CA ARG A 205 10.81 22.45 8.04
C ARG A 205 10.01 23.74 8.28
N LEU A 206 8.92 23.65 9.04
CA LEU A 206 8.12 24.82 9.37
C LEU A 206 8.94 25.81 10.20
N GLY A 207 9.81 25.29 11.07
CA GLY A 207 10.61 26.10 11.97
C GLY A 207 11.92 26.63 11.38
N PHE A 208 12.34 26.04 10.26
CA PHE A 208 13.64 26.33 9.64
C PHE A 208 13.96 27.82 9.49
N TRP A 209 12.97 28.60 9.08
CA TRP A 209 13.17 30.00 8.70
C TRP A 209 13.44 30.87 9.91
N SER A 210 12.89 30.47 11.06
CA SER A 210 13.23 31.11 12.33
C SER A 210 14.64 30.76 12.84
N GLN A 211 15.32 29.79 12.25
CA GLN A 211 16.68 29.43 12.68
C GLN A 211 17.80 30.13 11.87
N VAL A 212 17.43 30.80 10.78
CA VAL A 212 18.41 31.45 9.89
C VAL A 212 19.21 32.54 10.67
N LYS A 213 18.51 33.41 11.38
CA LYS A 213 19.16 34.51 12.14
C LYS A 213 20.32 34.04 12.98
N GLN A 214 20.16 32.93 13.70
CA GLN A 214 21.24 32.40 14.54
C GLN A 214 22.51 32.06 13.76
N HIS A 215 22.35 31.69 12.49
CA HIS A 215 23.47 31.21 11.69
C HIS A 215 24.04 32.27 10.75
N TYR A 216 23.19 33.20 10.29
CA TYR A 216 23.59 34.12 9.24
C TYR A 216 23.29 35.61 9.48
N GLY A 217 22.71 35.96 10.62
CA GLY A 217 22.47 37.36 10.93
C GLY A 217 21.29 37.94 10.19
N VAL A 218 20.54 37.11 9.50
CA VAL A 218 19.41 37.57 8.77
C VAL A 218 18.20 36.89 9.39
N ASP A 219 17.18 37.69 9.66
CA ASP A 219 15.98 37.17 10.26
C ASP A 219 14.96 36.83 9.19
N MET A 220 14.70 35.53 9.04
CA MET A 220 13.72 35.07 8.08
C MET A 220 12.48 34.47 8.75
N SER A 221 12.28 34.79 10.03
CA SER A 221 11.14 34.22 10.76
C SER A 221 9.85 34.71 10.13
N CYS A 222 9.92 35.84 9.43
CA CYS A 222 8.78 36.34 8.69
C CYS A 222 8.30 35.40 7.59
N LEU A 223 9.07 34.37 7.27
CA LEU A 223 8.69 33.43 6.21
C LEU A 223 7.99 32.15 6.71
N GLU A 224 7.65 32.08 8.00
CA GLU A 224 6.95 30.90 8.51
C GLU A 224 5.59 30.73 7.88
N GLY A 225 4.85 31.83 7.71
CA GLY A 225 3.53 31.80 7.08
C GLY A 225 3.66 31.23 5.67
N PHE A 226 4.66 31.73 4.94
CA PHE A 226 5.00 31.22 3.60
C PHE A 226 5.27 29.72 3.64
N ALA A 227 6.20 29.30 4.47
CA ALA A 227 6.55 27.90 4.54
C ALA A 227 5.32 27.05 4.88
N THR A 228 4.43 27.57 5.73
CA THR A 228 3.25 26.82 6.16
C THR A 228 2.27 26.68 5.02
N ARG A 229 1.96 27.79 4.36
CA ARG A 229 1.10 27.74 3.18
C ARG A 229 1.67 26.80 2.12
N CYS A 230 2.98 26.84 1.92
CA CYS A 230 3.57 26.02 0.88
C CYS A 230 3.62 24.52 1.25
N LEU A 231 3.94 24.19 2.49
CA LEU A 231 4.17 22.80 2.85
C LEU A 231 2.89 22.09 3.28
N MET A 232 1.90 22.85 3.75
CA MET A 232 0.64 22.28 4.27
C MET A 232 -0.60 22.73 3.49
N GLY A 233 -0.54 23.88 2.80
CA GLY A 233 -1.72 24.42 2.18
C GLY A 233 -2.14 23.84 0.84
N HIS A 234 -1.32 22.95 0.29
CA HIS A 234 -1.60 22.29 -0.95
C HIS A 234 -2.60 21.14 -0.66
N SER A 235 -3.06 20.48 -1.72
CA SER A 235 -4.01 19.37 -1.65
C SER A 235 -3.43 18.09 -2.20
N GLU A 236 -2.12 17.91 -2.06
CA GLU A 236 -1.47 16.66 -2.48
C GLU A 236 -1.28 15.69 -1.31
N ILE A 237 -1.50 14.41 -1.58
CA ILE A 237 -1.13 13.36 -0.62
C ILE A 237 0.38 13.22 -0.64
N VAL A 238 0.98 13.19 0.55
CA VAL A 238 2.42 13.10 0.67
C VAL A 238 2.81 11.73 1.18
N VAL A 239 3.71 11.03 0.47
CA VAL A 239 4.18 9.74 0.96
C VAL A 239 5.40 9.94 1.79
N GLN A 240 5.31 9.61 3.06
CA GLN A 240 6.41 9.82 3.97
C GLN A 240 6.31 8.85 5.14
N GLY A 241 7.45 8.44 5.66
CA GLY A 241 7.53 7.44 6.72
C GLY A 241 7.55 8.13 8.09
N LEU A 242 6.62 7.74 8.94
CA LEU A 242 6.54 8.23 10.30
C LEU A 242 7.01 7.16 11.28
N SER A 243 7.20 7.57 12.53
CA SER A 243 7.48 6.65 13.58
C SER A 243 6.33 6.70 14.59
N GLY A 244 6.36 5.75 15.54
CA GLY A 244 5.30 5.63 16.50
C GLY A 244 5.05 6.87 17.34
N GLU A 245 6.09 7.63 17.67
CA GLU A 245 5.91 8.84 18.47
C GLU A 245 5.10 9.95 17.73
N ASP A 246 4.97 9.85 16.41
CA ASP A 246 4.20 10.81 15.60
C ASP A 246 2.69 10.58 15.67
N VAL A 247 2.28 9.42 16.18
CA VAL A 247 0.87 9.04 16.22
C VAL A 247 0.21 9.59 17.47
N LEU A 248 -0.91 10.28 17.30
CA LEU A 248 -1.48 11.06 18.37
C LEU A 248 -2.66 10.42 19.09
N ALA A 249 -3.12 9.29 18.58
CA ALA A 249 -4.30 8.59 19.10
C ALA A 249 -4.26 7.12 18.67
N ARG A 250 -5.23 6.33 19.10
CA ARG A 250 -5.34 4.97 18.61
C ARG A 250 -5.73 4.97 17.15
N PRO A 251 -4.97 4.26 16.31
CA PRO A 251 -5.31 4.10 14.90
C PRO A 251 -6.67 3.46 14.73
N GLN A 252 -7.44 3.92 13.76
CA GLN A 252 -8.80 3.44 13.52
C GLN A 252 -8.89 2.78 12.14
N ARG A 253 -9.38 1.55 12.11
CA ARG A 253 -9.66 0.91 10.84
C ARG A 253 -10.87 1.58 10.20
N PHE A 254 -10.72 2.02 8.95
CA PHE A 254 -11.85 2.65 8.29
C PHE A 254 -12.39 1.88 7.10
N ALA A 255 -11.69 0.87 6.63
CA ALA A 255 -12.21 0.02 5.58
C ALA A 255 -11.57 -1.34 5.62
N GLN A 256 -12.29 -2.32 5.08
CA GLN A 256 -11.83 -3.69 5.00
C GLN A 256 -12.23 -4.19 3.62
N LEU A 257 -11.27 -4.73 2.90
CA LEU A 257 -11.44 -5.20 1.53
C LEU A 257 -11.19 -6.69 1.51
N GLU A 258 -12.27 -7.48 1.41
CA GLU A 258 -12.14 -8.91 1.29
C GLU A 258 -12.08 -9.19 -0.21
N LEU A 259 -10.95 -9.67 -0.70
CA LEU A 259 -10.75 -9.77 -2.15
C LEU A 259 -11.67 -10.79 -2.81
N SER A 260 -12.26 -11.71 -2.06
CA SER A 260 -13.27 -12.60 -2.64
C SER A 260 -14.66 -11.96 -2.77
N ARG A 261 -14.88 -10.82 -2.12
CA ARG A 261 -16.21 -10.24 -2.08
C ARG A 261 -16.67 -9.93 -3.50
N ALA A 262 -17.82 -10.45 -3.87
CA ALA A 262 -18.42 -10.14 -5.16
C ALA A 262 -18.85 -8.67 -5.09
N GLY A 263 -18.56 -7.94 -6.15
CA GLY A 263 -18.92 -6.52 -6.20
C GLY A 263 -17.81 -5.59 -5.72
N LEU A 264 -16.66 -6.13 -5.36
CA LEU A 264 -15.56 -5.29 -4.85
C LEU A 264 -15.10 -4.27 -5.89
N GLU A 265 -14.99 -4.68 -7.16
CA GLU A 265 -14.61 -3.72 -8.22
C GLU A 265 -15.50 -2.49 -8.24
N GLN A 266 -16.80 -2.72 -8.10
CA GLN A 266 -17.78 -1.65 -8.13
C GLN A 266 -17.69 -0.79 -6.88
N GLU A 267 -17.39 -1.39 -5.74
CA GLU A 267 -17.16 -0.60 -4.52
C GLU A 267 -15.97 0.34 -4.72
N LEU A 268 -14.90 -0.18 -5.32
CA LEU A 268 -13.67 0.60 -5.52
C LEU A 268 -13.94 1.79 -6.45
N GLU A 269 -14.75 1.59 -7.49
CA GLU A 269 -15.07 2.66 -8.42
C GLU A 269 -15.88 3.71 -7.73
N ALA A 270 -16.85 3.30 -6.91
CA ALA A 270 -17.71 4.23 -6.19
C ALA A 270 -17.01 4.92 -4.99
N GLY A 271 -16.02 4.25 -4.40
CA GLY A 271 -15.25 4.81 -3.30
C GLY A 271 -15.33 3.90 -2.08
N VAL A 272 -14.19 3.66 -1.44
CA VAL A 272 -14.19 2.87 -0.21
C VAL A 272 -13.77 3.76 0.96
N GLY A 273 -14.31 3.50 2.13
CA GLY A 273 -13.95 4.27 3.29
C GLY A 273 -15.05 4.24 4.28
N GLY A 274 -15.11 5.27 5.09
CA GLY A 274 -16.06 5.31 6.18
C GLY A 274 -15.70 6.32 7.25
N ARG A 275 -16.41 6.23 8.35
CA ARG A 275 -16.22 7.16 9.45
C ARG A 275 -15.13 6.68 10.39
N PHE A 276 -14.62 7.62 11.16
CA PHE A 276 -13.68 7.28 12.21
C PHE A 276 -13.82 8.22 13.37
N ARG A 277 -13.39 7.76 14.53
CA ARG A 277 -13.34 8.58 15.74
C ARG A 277 -12.23 8.10 16.64
N CYS A 278 -11.52 9.02 17.26
CA CYS A 278 -10.51 8.67 18.22
C CYS A 278 -10.27 9.82 19.17
N SER A 279 -9.38 9.58 20.14
CA SER A 279 -9.19 10.48 21.25
C SER A 279 -7.69 10.64 21.44
N CYS A 280 -7.21 11.89 21.48
CA CYS A 280 -5.78 12.13 21.47
C CYS A 280 -5.11 11.78 22.82
N TYR A 281 -3.84 11.42 22.74
CA TYR A 281 -3.07 10.99 23.92
C TYR A 281 -2.53 12.14 24.79
N GLY A 282 -2.21 13.28 24.19
CA GLY A 282 -1.54 14.36 24.92
C GLY A 282 -1.36 15.60 24.08
N SER A 283 -0.68 16.61 24.63
CA SER A 283 -0.38 17.85 23.90
C SER A 283 0.51 17.64 22.72
N ALA A 284 0.08 18.12 21.56
CA ALA A 284 0.90 18.03 20.36
C ALA A 284 0.39 18.97 19.28
N PRO A 285 1.28 19.39 18.36
CA PRO A 285 0.79 20.12 17.22
C PRO A 285 0.36 19.10 16.15
N MET A 286 -0.93 18.97 15.91
CA MET A 286 -1.42 18.02 14.91
C MET A 286 -1.23 18.62 13.52
N HIS A 287 -0.64 17.87 12.62
CA HIS A 287 -0.41 18.34 11.24
C HIS A 287 -1.36 17.76 10.22
N GLY A 288 -2.11 16.73 10.61
CA GLY A 288 -3.00 16.04 9.71
C GLY A 288 -3.19 14.59 10.09
N PHE A 289 -3.42 13.76 9.07
CA PHE A 289 -3.69 12.36 9.27
C PHE A 289 -2.68 11.55 8.48
N ALA A 290 -2.37 10.36 9.00
CA ALA A 290 -1.71 9.34 8.20
C ALA A 290 -2.70 8.22 7.90
N ILE A 291 -2.63 7.74 6.68
CA ILE A 291 -3.30 6.51 6.34
C ILE A 291 -2.31 5.42 5.92
N TRP A 292 -2.64 4.18 6.26
CA TRP A 292 -1.83 3.05 5.86
C TRP A 292 -2.68 1.81 5.78
N PHE A 293 -2.05 0.70 5.42
CA PHE A 293 -2.78 -0.52 5.15
C PHE A 293 -2.03 -1.70 5.72
N GLN A 294 -2.75 -2.80 5.82
CA GLN A 294 -2.14 -4.09 6.02
C GLN A 294 -2.86 -5.06 5.12
N VAL A 295 -2.16 -6.12 4.75
CA VAL A 295 -2.75 -7.24 4.04
C VAL A 295 -2.53 -8.52 4.83
N THR A 296 -3.44 -9.48 4.65
CA THR A 296 -3.44 -10.67 5.47
C THR A 296 -3.41 -11.92 4.61
N PHE A 297 -2.51 -12.83 4.97
CA PHE A 297 -2.40 -14.11 4.33
C PHE A 297 -3.00 -15.17 5.27
N PRO A 298 -3.94 -15.96 4.80
CA PRO A 298 -4.40 -17.05 5.66
C PRO A 298 -3.27 -18.05 6.01
N GLY A 299 -3.39 -18.70 7.17
CA GLY A 299 -2.49 -19.79 7.57
C GLY A 299 -3.08 -21.12 7.12
N GLY A 300 -2.43 -22.22 7.45
CA GLY A 300 -2.95 -23.55 7.12
C GLY A 300 -4.13 -23.93 7.99
N GLU A 303 -3.96 -22.51 11.70
CA GLU A 303 -2.90 -21.58 12.08
C GLU A 303 -3.42 -20.15 12.04
N LYS A 304 -2.68 -19.25 12.70
CA LYS A 304 -2.97 -17.80 12.69
C LYS A 304 -2.62 -17.17 11.31
N PRO A 305 -3.39 -16.18 10.87
CA PRO A 305 -3.03 -15.44 9.64
C PRO A 305 -1.73 -14.70 9.80
N LEU A 306 -1.02 -14.45 8.70
CA LEU A 306 0.18 -13.65 8.70
C LEU A 306 -0.25 -12.29 8.17
N VAL A 307 0.16 -11.23 8.87
CA VAL A 307 -0.21 -9.86 8.50
C VAL A 307 1.04 -9.07 8.09
N LEU A 308 0.96 -8.48 6.90
CA LEU A 308 2.00 -7.57 6.41
C LEU A 308 1.44 -6.16 6.63
N SER A 309 2.07 -5.42 7.53
CA SER A 309 1.59 -4.12 7.99
C SER A 309 2.48 -2.98 7.49
N THR A 310 1.90 -1.82 7.20
CA THR A 310 2.69 -0.63 6.85
C THR A 310 2.53 0.49 7.89
N SER A 311 2.08 0.11 9.08
CA SER A 311 1.94 1.02 10.19
C SER A 311 3.25 1.69 10.61
N PRO A 312 3.17 2.92 11.11
CA PRO A 312 4.34 3.61 11.68
C PRO A 312 4.88 2.89 12.91
N PHE A 313 4.08 2.04 13.54
CA PHE A 313 4.55 1.32 14.73
C PHE A 313 5.32 0.08 14.36
N HIS A 314 5.23 -0.37 13.11
CA HIS A 314 5.85 -1.61 12.67
C HIS A 314 7.08 -1.29 11.82
N PRO A 315 7.94 -2.30 11.53
CA PRO A 315 9.14 -2.06 10.76
C PRO A 315 8.80 -1.35 9.45
N ALA A 316 9.65 -0.42 9.03
CA ALA A 316 9.40 0.39 7.87
C ALA A 316 9.39 -0.43 6.61
N THR A 317 8.52 -0.03 5.68
CA THR A 317 8.47 -0.61 4.35
C THR A 317 8.63 0.51 3.34
N HIS A 318 8.76 0.13 2.08
CA HIS A 318 8.90 1.09 1.01
C HIS A 318 7.58 1.85 0.73
N TRP A 319 6.45 1.34 1.21
CA TRP A 319 5.19 2.07 1.10
C TRP A 319 5.08 3.25 2.05
N LYS A 320 5.88 3.27 3.10
CA LYS A 320 5.83 4.31 4.12
C LYS A 320 4.39 4.46 4.60
N GLN A 321 3.92 5.70 4.78
CA GLN A 321 2.50 5.99 4.98
C GLN A 321 2.10 7.16 4.06
N ALA A 322 0.79 7.34 3.85
CA ALA A 322 0.27 8.43 3.01
C ALA A 322 -0.28 9.51 3.94
N LEU A 323 0.23 10.73 3.81
CA LEU A 323 -0.09 11.78 4.78
C LEU A 323 -1.04 12.80 4.16
N LEU A 324 -2.02 13.19 4.95
CA LEU A 324 -3.01 14.16 4.59
C LEU A 324 -2.86 15.35 5.53
N TYR A 325 -2.14 16.39 5.08
CA TYR A 325 -1.92 17.56 5.90
C TYR A 325 -3.12 18.51 5.97
N LEU A 326 -3.42 18.97 7.18
CA LEU A 326 -4.34 20.10 7.33
C LEU A 326 -3.68 21.37 6.70
N ASN A 327 -4.46 22.42 6.46
CA ASN A 327 -3.87 23.66 5.91
C ASN A 327 -2.86 24.34 6.83
N GLU A 328 -2.98 24.12 8.14
CA GLU A 328 -2.03 24.60 9.13
C GLU A 328 -2.14 23.69 10.36
N PRO A 329 -1.14 23.72 11.25
CA PRO A 329 -1.22 22.92 12.47
C PRO A 329 -2.38 23.32 13.39
N VAL A 330 -2.90 22.35 14.14
CA VAL A 330 -3.86 22.57 15.18
C VAL A 330 -3.35 21.93 16.47
N GLN A 331 -3.44 22.65 17.57
CA GLN A 331 -2.97 22.14 18.86
C GLN A 331 -4.03 21.19 19.40
N VAL A 332 -3.61 20.00 19.83
CA VAL A 332 -4.52 19.06 20.47
C VAL A 332 -3.98 18.81 21.88
N GLU A 333 -4.80 18.18 22.72
CA GLU A 333 -4.47 17.91 24.13
C GLU A 333 -4.94 16.51 24.46
N GLN A 334 -4.58 16.02 25.64
CA GLN A 334 -5.12 14.75 26.08
C GLN A 334 -6.64 14.77 26.00
N ASP A 335 -7.19 13.70 25.41
CA ASP A 335 -8.60 13.47 25.22
C ASP A 335 -9.33 14.39 24.21
N THR A 336 -8.59 15.15 23.39
CA THR A 336 -9.19 15.85 22.25
C THR A 336 -9.78 14.82 21.29
N ASP A 337 -11.05 14.99 20.98
CA ASP A 337 -11.75 14.10 20.08
C ASP A 337 -11.40 14.51 18.64
N VAL A 338 -11.07 13.52 17.82
CA VAL A 338 -10.78 13.75 16.41
C VAL A 338 -11.67 12.77 15.64
N SER A 339 -12.50 13.28 14.74
CA SER A 339 -13.39 12.41 14.00
C SER A 339 -13.52 12.89 12.57
N GLY A 340 -14.13 12.04 11.75
CA GLY A 340 -14.27 12.35 10.34
C GLY A 340 -14.90 11.27 9.51
N GLU A 341 -14.89 11.53 8.22
CA GLU A 341 -15.26 10.56 7.23
C GLU A 341 -14.28 10.69 6.09
N ILE A 342 -13.84 9.54 5.59
CA ILE A 342 -12.83 9.51 4.55
C ILE A 342 -13.26 8.56 3.45
N THR A 343 -13.04 8.96 2.21
CA THR A 343 -13.33 8.12 1.05
C THR A 343 -12.13 8.11 0.12
N LEU A 344 -11.73 6.92 -0.34
CA LEU A 344 -10.63 6.75 -1.27
C LEU A 344 -11.27 6.35 -2.60
N LEU A 345 -11.00 7.10 -3.66
CA LEU A 345 -11.66 6.81 -4.92
C LEU A 345 -10.85 7.26 -6.12
N PRO A 346 -11.23 6.81 -7.33
CA PRO A 346 -10.47 7.16 -8.52
C PRO A 346 -10.53 8.64 -8.76
N SER A 347 -9.42 9.24 -9.17
CA SER A 347 -9.44 10.64 -9.51
C SER A 347 -10.28 10.78 -10.77
N ARG A 348 -10.80 11.98 -10.96
CA ARG A 348 -11.73 12.26 -12.06
C ARG A 348 -11.03 12.08 -13.43
N ASP A 349 -9.85 12.68 -13.59
CA ASP A 349 -9.16 12.67 -14.88
C ASP A 349 -8.38 11.39 -15.19
N ASN A 350 -7.67 10.84 -14.20
CA ASN A 350 -6.99 9.54 -14.36
C ASN A 350 -7.50 8.49 -13.35
N PRO A 351 -8.27 7.49 -13.82
CA PRO A 351 -8.96 6.55 -12.93
C PRO A 351 -8.03 5.63 -12.12
N ARG A 352 -6.73 5.63 -12.39
CA ARG A 352 -5.78 4.82 -11.60
C ARG A 352 -5.09 5.63 -10.50
N ARG A 353 -5.21 6.96 -10.56
CA ARG A 353 -4.60 7.83 -9.55
C ARG A 353 -5.55 8.00 -8.37
N LEU A 354 -5.00 8.04 -7.17
CA LEU A 354 -5.85 8.02 -5.96
C LEU A 354 -6.25 9.44 -5.59
N ARG A 355 -7.53 9.59 -5.29
CA ARG A 355 -8.07 10.80 -4.71
C ARG A 355 -8.69 10.44 -3.36
N VAL A 356 -8.60 11.35 -2.41
CA VAL A 356 -9.14 11.16 -1.08
C VAL A 356 -10.06 12.31 -0.75
N LEU A 357 -11.27 11.97 -0.36
CA LEU A 357 -12.22 12.95 0.17
C LEU A 357 -12.26 12.86 1.68
N LEU A 358 -11.99 13.96 2.35
CA LEU A 358 -11.89 13.95 3.80
C LEU A 358 -12.75 15.06 4.37
N ARG A 359 -13.60 14.71 5.33
CA ARG A 359 -14.19 15.69 6.18
C ARG A 359 -13.87 15.34 7.63
N TYR A 360 -13.48 16.32 8.43
CA TYR A 360 -12.99 16.03 9.76
C TYR A 360 -13.33 17.12 10.76
N LYS A 361 -13.23 16.76 12.04
CA LYS A 361 -13.51 17.68 13.11
C LYS A 361 -12.46 17.44 14.19
N VAL A 362 -11.71 18.47 14.56
CA VAL A 362 -10.73 18.39 15.64
C VAL A 362 -11.28 19.16 16.83
N GLY A 363 -11.61 18.44 17.89
CA GLY A 363 -12.04 19.08 19.13
C GLY A 363 -13.30 19.88 18.93
N ASP A 364 -13.25 21.16 19.31
CA ASP A 364 -14.40 22.05 19.23
C ASP A 364 -14.36 22.91 17.99
N GLN A 365 -13.31 22.75 17.19
CA GLN A 365 -13.26 23.34 15.88
C GLN A 365 -14.46 22.88 15.04
N GLU A 366 -14.90 23.72 14.11
CA GLU A 366 -15.96 23.36 13.20
C GLU A 366 -15.47 22.27 12.24
N GLU A 367 -16.39 21.47 11.73
CA GLU A 367 -16.08 20.48 10.68
C GLU A 367 -15.48 21.15 9.48
N LYS A 368 -14.51 20.51 8.85
CA LYS A 368 -13.84 21.04 7.66
C LYS A 368 -13.68 19.98 6.61
N THR A 369 -13.72 20.39 5.34
CA THR A 369 -13.48 19.49 4.24
C THR A 369 -12.10 19.80 3.69
N LYS A 370 -11.33 18.77 3.39
CA LYS A 370 -10.13 18.92 2.56
C LYS A 370 -9.97 17.67 1.72
N ASP A 371 -9.97 17.86 0.41
CA ASP A 371 -9.86 16.78 -0.54
C ASP A 371 -8.48 16.80 -1.18
N PHE A 372 -7.91 15.62 -1.37
CA PHE A 372 -6.53 15.45 -1.76
C PHE A 372 -6.42 14.58 -2.98
N ALA A 373 -5.29 14.71 -3.68
CA ALA A 373 -4.95 13.87 -4.80
C ALA A 373 -3.48 13.53 -4.74
N MET A 374 -3.15 12.34 -5.17
CA MET A 374 -1.77 11.91 -5.24
C MET A 374 -1.13 12.56 -6.48
N GLU A 375 -0.07 13.33 -6.29
CA GLU A 375 0.63 14.00 -7.40
C GLU A 375 2.08 14.23 -7.04
C4 37H B . 1.46 -6.33 -14.59
C5 37H B . 0.27 -5.79 -14.88
C6 37H B . -0.63 -6.47 -15.61
C8 37H B . 1.41 -4.34 -13.74
N1 37H B . -0.39 -7.73 -16.01
N3 37H B . 1.76 -7.57 -14.97
O 37H B . 6.74 -9.12 -5.69
C 37H B . 7.58 -8.86 -6.60
OXT 37H B . 8.79 -8.58 -6.44
CA 37H B . 7.05 -9.00 -8.02
N 37H B . 5.88 -9.90 -7.92
CB 37H B . 6.67 -7.68 -8.74
CAL 37H B . 5.49 -7.07 -8.07
CAZ 37H B . 5.21 -5.63 -8.64
CAM 37H B . 4.68 -4.92 -7.42
NAR 37H B . 4.56 -3.49 -7.62
CAT 37H B . 3.66 -2.71 -7.01
NAB 37H B . 2.81 -3.18 -6.07
NAA 37H B . 3.61 -1.41 -7.31
CAN 37H B . 4.08 -5.47 -9.69
CBC 37H B . 4.40 -6.08 -11.08
OAS 37H B . 3.17 -6.14 -11.89
CBA 37H B . 5.32 -5.16 -11.88
OAG 37H B . 6.47 -5.95 -12.32
CBB 37H B . 4.42 -4.66 -13.06
OAH 37H B . 5.19 -4.46 -14.26
CBD 37H B . 3.49 -5.76 -13.29
N9 37H B . 2.17 -5.45 -13.87
N7 37H B . 0.24 -4.54 -14.38
C2 37H B . 0.82 -8.31 -15.71
N6 37H B . -1.79 -5.87 -15.88
C1 GOL C . -17.47 14.16 9.34
O1 GOL C . -18.81 14.38 8.90
C2 GOL C . -17.25 14.91 10.65
O2 GOL C . -16.33 15.94 10.42
C3 GOL C . -16.67 14.05 11.76
O3 GOL C . -17.36 14.22 12.98
UNK UNX D . -16.86 6.44 2.44
UNK UNX E . 8.04 8.34 -2.14
UNK UNX F . 4.06 9.09 -4.81
UNK UNX G . -8.05 4.54 -7.31
UNK UNX H . -10.04 0.19 14.58
UNK UNX I . 4.63 1.17 -4.78
UNK UNX J . -1.26 26.13 -2.51
UNK UNX K . -4.25 12.37 -9.74
UNK UNX L . 4.71 19.09 2.14
UNK UNX M . 13.44 14.52 11.75
UNK UNX N . -6.69 -14.73 5.95
UNK UNX O . -15.65 12.81 3.27
UNK UNX P . -18.31 4.36 8.44
UNK UNX Q . -6.03 0.90 -7.42
UNK UNX R . -12.79 15.71 24.72
UNK UNX S . -10.38 3.49 19.83
UNK UNX T . -14.10 -0.84 9.05
UNK UNX U . 5.95 -1.53 -10.40
UNK UNX V . -5.76 -24.05 12.44
UNK UNX W . 18.98 -10.93 -17.77
UNK UNX X . -13.25 -17.70 -10.93
#